data_3G8W
#
_entry.id   3G8W
#
_cell.length_a   96.960
_cell.length_b   110.409
_cell.length_c   220.515
_cell.angle_alpha   90.00
_cell.angle_beta   90.00
_cell.angle_gamma   90.00
#
_symmetry.space_group_name_H-M   'I 2 2 2'
#
loop_
_entity.id
_entity.type
_entity.pdbx_description
1 polymer 'Lactococcal prophage ps3 protein 05'
2 non-polymer '2-[N-CYCLOHEXYLAMINO]ETHANE SULFONIC ACID'
3 non-polymer 'CITRATE ANION'
4 water water
#
_entity_poly.entity_id   1
_entity_poly.type   'polypeptide(L)'
_entity_poly.pdbx_seq_one_letter_code
;SNA(MSE)NNIRLLNQNDLDSYIEL(MSE)KFGHHNYEWDRYYLENVSIDRLKTILSNHTDYWNIFGAFEDDELVATCTL
KQ(MSE)NYVGKCHKAILENNFVKNNDEIVNRELINHIIQYAKEQNIETL(MSE)IAIASNNISAKVFFSSIGFENLAFE
KNASKIGNEYFDENWLIYSTTESSD
;
_entity_poly.pdbx_strand_id   A,B,C,D
#
# COMPACT_ATOMS: atom_id res chain seq x y z
N ASN A 5 6.80 0.96 13.90
CA ASN A 5 7.90 0.83 12.95
C ASN A 5 9.05 1.89 12.98
N ASN A 6 10.06 1.57 12.15
CA ASN A 6 11.25 2.32 11.79
C ASN A 6 11.94 1.45 10.70
N ILE A 7 12.38 2.05 9.62
CA ILE A 7 12.99 1.32 8.51
C ILE A 7 14.35 1.91 8.21
N ARG A 8 15.35 1.07 8.01
CA ARG A 8 16.69 1.59 7.81
C ARG A 8 17.60 0.59 7.16
N LEU A 9 18.73 1.07 6.66
CA LEU A 9 19.87 0.23 6.25
C LEU A 9 20.29 -0.67 7.38
N LEU A 10 20.58 -1.92 7.05
CA LEU A 10 21.11 -2.86 8.03
C LEU A 10 22.62 -2.85 7.95
N ASN A 11 23.31 -2.94 9.08
CA ASN A 11 24.78 -3.06 9.04
C ASN A 11 25.28 -4.38 9.63
N GLN A 12 26.60 -4.54 9.67
CA GLN A 12 27.23 -5.74 10.21
C GLN A 12 26.71 -6.07 11.63
N ASN A 13 26.48 -5.02 12.43
CA ASN A 13 25.86 -5.14 13.74
C ASN A 13 24.46 -5.73 13.81
N ASP A 14 23.72 -5.75 12.69
CA ASP A 14 22.39 -6.35 12.69
C ASP A 14 22.36 -7.80 12.28
N LEU A 15 23.52 -8.43 12.18
CA LEU A 15 23.63 -9.77 11.67
C LEU A 15 22.90 -10.81 12.53
N ASP A 16 23.04 -10.71 13.86
CA ASP A 16 22.35 -11.60 14.81
C ASP A 16 20.85 -11.60 14.58
N SER A 17 20.28 -10.39 14.54
CA SER A 17 18.86 -10.14 14.38
C SER A 17 18.38 -10.76 13.12
N TYR A 18 19.20 -10.61 12.09
CA TYR A 18 18.80 -10.97 10.75
C TYR A 18 18.82 -12.48 10.65
N ILE A 19 19.76 -13.09 11.35
CA ILE A 19 19.86 -14.53 11.45
C ILE A 19 18.65 -15.04 12.23
N GLU A 20 18.28 -14.35 13.31
CA GLU A 20 17.07 -14.71 14.03
C GLU A 20 15.80 -14.65 13.17
N LEU A 21 15.68 -13.64 12.33
CA LEU A 21 14.52 -13.51 11.47
C LEU A 21 14.32 -14.71 10.53
N LYS A 23 15.29 -17.66 11.04
CA LYS A 23 15.16 -18.87 11.81
C LYS A 23 13.71 -19.11 12.16
N PHE A 24 12.85 -18.11 12.02
CA PHE A 24 11.44 -18.26 12.33
C PHE A 24 10.77 -19.24 11.42
N GLY A 25 11.27 -19.42 10.19
CA GLY A 25 10.69 -20.35 9.25
C GLY A 25 9.34 -19.93 8.75
N HIS A 26 9.14 -18.63 8.55
CA HIS A 26 7.86 -18.10 8.16
C HIS A 26 7.68 -17.99 6.68
N HIS A 27 8.77 -18.11 5.92
CA HIS A 27 8.72 -18.09 4.46
C HIS A 27 7.89 -19.27 3.97
N ASN A 28 6.95 -19.00 3.07
CA ASN A 28 5.96 -20.02 2.68
C ASN A 28 6.50 -21.19 1.85
N TYR A 29 7.60 -20.94 1.17
CA TYR A 29 8.26 -21.96 0.33
C TYR A 29 9.63 -22.31 0.90
N GLU A 30 9.79 -22.11 2.21
CA GLU A 30 11.00 -22.47 2.97
C GLU A 30 12.34 -21.81 2.57
N TRP A 31 12.30 -20.74 1.83
CA TRP A 31 13.53 -20.15 1.36
C TRP A 31 14.39 -19.76 2.54
N ASP A 32 13.78 -19.42 3.64
CA ASP A 32 14.61 -19.04 4.75
C ASP A 32 15.45 -20.19 5.27
N ARG A 33 14.94 -21.41 5.23
CA ARG A 33 15.72 -22.51 5.75
C ARG A 33 16.77 -22.90 4.73
N TYR A 34 16.36 -22.93 3.44
CA TYR A 34 17.26 -23.26 2.34
C TYR A 34 18.47 -22.36 2.35
N TYR A 35 18.19 -21.04 2.30
CA TYR A 35 19.19 -20.00 2.34
C TYR A 35 20.12 -20.15 3.57
N LEU A 36 19.49 -20.31 4.74
CA LEU A 36 20.25 -20.41 5.98
C LEU A 36 21.12 -21.67 5.98
N GLU A 37 20.55 -22.79 5.52
CA GLU A 37 21.29 -24.03 5.48
C GLU A 37 22.50 -23.93 4.57
N ASN A 38 22.38 -23.17 3.48
CA ASN A 38 23.41 -23.17 2.47
C ASN A 38 24.31 -21.94 2.41
N VAL A 39 23.96 -20.86 3.10
CA VAL A 39 24.76 -19.65 2.97
C VAL A 39 25.94 -19.59 3.93
N SER A 40 26.90 -18.74 3.59
CA SER A 40 28.07 -18.55 4.42
C SER A 40 28.04 -17.14 5.04
N ILE A 41 28.55 -17.07 6.28
CA ILE A 41 28.52 -15.86 7.09
C ILE A 41 29.40 -14.80 6.50
N ASP A 42 30.48 -15.21 5.85
CA ASP A 42 31.37 -14.31 5.10
C ASP A 42 30.58 -13.56 4.04
N ARG A 43 29.68 -14.28 3.37
CA ARG A 43 28.94 -13.61 2.35
C ARG A 43 27.87 -12.69 2.94
N LEU A 44 27.15 -13.18 3.94
CA LEU A 44 26.29 -12.32 4.77
C LEU A 44 27.06 -11.06 5.24
N LYS A 45 28.28 -11.23 5.76
CA LYS A 45 29.05 -10.10 6.23
C LYS A 45 29.43 -9.18 5.07
N THR A 46 29.63 -9.78 3.91
CA THR A 46 30.01 -9.04 2.73
C THR A 46 28.81 -8.22 2.25
N ILE A 47 27.61 -8.80 2.33
CA ILE A 47 26.42 -8.04 1.95
C ILE A 47 26.20 -6.88 2.93
N LEU A 48 26.40 -7.11 4.23
CA LEU A 48 26.07 -6.08 5.24
C LEU A 48 27.02 -4.90 5.24
N SER A 49 28.23 -5.17 4.77
CA SER A 49 29.34 -4.26 4.82
C SER A 49 29.16 -2.97 4.04
N ASN A 50 29.55 -1.90 4.72
CA ASN A 50 29.84 -0.59 4.14
C ASN A 50 30.43 -0.66 2.72
N HIS A 51 31.37 -1.60 2.56
CA HIS A 51 32.25 -1.76 1.41
C HIS A 51 31.61 -2.37 0.18
N THR A 52 30.30 -2.66 0.24
CA THR A 52 29.52 -3.07 -0.94
C THR A 52 28.31 -2.17 -0.96
N ASP A 53 28.49 -0.97 -1.48
CA ASP A 53 27.46 0.05 -1.35
C ASP A 53 26.33 -0.06 -2.42
N TYR A 54 26.53 -0.92 -3.40
CA TYR A 54 25.51 -1.23 -4.39
C TYR A 54 24.69 -2.42 -3.92
N TRP A 55 25.02 -2.96 -2.74
CA TRP A 55 24.37 -4.17 -2.24
C TRP A 55 23.89 -3.97 -0.79
N ASN A 56 22.61 -3.70 -0.61
CA ASN A 56 22.11 -3.20 0.66
C ASN A 56 20.90 -3.92 1.16
N ILE A 57 20.91 -4.31 2.42
CA ILE A 57 19.76 -4.94 3.07
C ILE A 57 18.98 -3.91 3.84
N PHE A 58 17.67 -3.82 3.59
CA PHE A 58 16.85 -2.94 4.42
C PHE A 58 16.06 -3.72 5.45
N GLY A 59 15.90 -3.15 6.63
CA GLY A 59 15.08 -3.78 7.64
C GLY A 59 13.95 -2.92 8.25
N ALA A 60 12.87 -3.60 8.66
CA ALA A 60 11.80 -2.96 9.40
C ALA A 60 11.83 -3.41 10.82
N PHE A 61 11.64 -2.47 11.72
CA PHE A 61 11.73 -2.73 13.15
C PHE A 61 10.47 -2.38 13.89
N GLU A 62 10.14 -3.19 14.90
CA GLU A 62 9.04 -2.94 15.83
C GLU A 62 9.61 -2.82 17.23
N ASP A 63 9.84 -1.58 17.64
CA ASP A 63 10.78 -1.31 18.71
C ASP A 63 12.15 -1.48 18.08
N ASP A 64 12.91 -2.38 18.72
CA ASP A 64 14.26 -2.73 18.36
C ASP A 64 14.25 -4.13 17.77
N GLU A 65 13.08 -4.54 17.29
CA GLU A 65 12.93 -5.89 16.77
C GLU A 65 12.88 -5.96 15.25
N LEU A 66 13.77 -6.75 14.69
CA LEU A 66 13.83 -6.85 13.25
C LEU A 66 12.70 -7.76 12.78
N VAL A 67 11.75 -7.16 12.09
CA VAL A 67 10.47 -7.80 11.90
C VAL A 67 10.23 -8.12 10.42
N ALA A 68 11.08 -7.58 9.55
CA ALA A 68 10.99 -7.84 8.10
C ALA A 68 12.27 -7.39 7.41
N THR A 69 12.58 -8.00 6.29
CA THR A 69 13.80 -7.67 5.59
C THR A 69 13.65 -7.82 4.08
N CYS A 70 14.40 -7.01 3.33
CA CYS A 70 14.53 -7.22 1.87
C CYS A 70 15.78 -6.57 1.35
N THR A 71 16.48 -7.24 0.45
CA THR A 71 17.77 -6.72 -0.04
C THR A 71 17.62 -6.10 -1.42
N LEU A 72 18.35 -5.00 -1.65
CA LEU A 72 18.45 -4.35 -2.95
C LEU A 72 19.85 -4.52 -3.49
N LYS A 73 19.93 -5.20 -4.63
CA LYS A 73 21.22 -5.38 -5.26
C LYS A 73 21.32 -4.63 -6.61
N GLN A 74 21.95 -3.48 -6.63
CA GLN A 74 22.09 -2.80 -7.89
C GLN A 74 23.09 -3.52 -8.81
N ASN A 76 26.01 -3.27 -10.73
CA ASN A 76 27.21 -2.50 -11.06
C ASN A 76 28.02 -3.12 -12.21
N TYR A 77 27.33 -3.57 -13.26
CA TYR A 77 27.97 -3.92 -14.51
C TYR A 77 27.79 -2.75 -15.46
N VAL A 78 28.65 -2.65 -16.46
CA VAL A 78 28.80 -1.39 -17.20
C VAL A 78 27.53 -0.70 -17.74
N GLY A 79 26.63 -1.42 -18.41
CA GLY A 79 25.44 -0.75 -18.95
C GLY A 79 24.13 -1.09 -18.23
N LYS A 80 24.26 -1.52 -16.98
CA LYS A 80 23.16 -2.22 -16.33
C LYS A 80 22.74 -1.59 -15.00
N CYS A 81 23.35 -0.45 -14.71
CA CYS A 81 23.24 0.36 -13.49
C CYS A 81 21.89 0.97 -13.22
N HIS A 82 21.08 1.04 -14.24
CA HIS A 82 19.75 1.57 -14.13
C HIS A 82 18.85 0.49 -13.51
N LYS A 83 19.35 -0.73 -13.33
CA LYS A 83 18.56 -1.85 -12.79
C LYS A 83 19.03 -2.33 -11.42
N ALA A 84 18.15 -3.06 -10.74
CA ALA A 84 18.50 -3.64 -9.45
C ALA A 84 17.58 -4.80 -9.14
N ILE A 85 18.01 -5.72 -8.30
CA ILE A 85 17.19 -6.85 -7.93
C ILE A 85 16.79 -6.72 -6.49
N LEU A 86 15.54 -7.05 -6.17
CA LEU A 86 15.11 -7.27 -4.82
C LEU A 86 15.28 -8.76 -4.53
N GLU A 87 15.93 -9.09 -3.42
CA GLU A 87 16.14 -10.48 -3.05
C GLU A 87 15.88 -10.66 -1.54
N ASN A 88 15.64 -11.90 -1.15
CA ASN A 88 15.56 -12.35 0.22
C ASN A 88 14.58 -11.50 0.99
N ASN A 89 13.36 -11.45 0.49
CA ASN A 89 12.32 -10.72 1.18
C ASN A 89 11.79 -11.63 2.30
N PHE A 90 12.30 -11.48 3.53
CA PHE A 90 11.87 -12.28 4.71
C PHE A 90 10.95 -11.43 5.61
N VAL A 91 9.78 -11.95 5.96
CA VAL A 91 8.77 -11.17 6.67
C VAL A 91 8.10 -11.96 7.81
N LYS A 92 8.40 -11.59 9.03
CA LYS A 92 7.81 -12.25 10.16
C LYS A 92 6.31 -12.25 10.07
N ASN A 93 5.71 -13.41 9.99
CA ASN A 93 4.27 -13.46 9.99
C ASN A 93 3.68 -13.18 8.64
N ASN A 94 4.54 -13.02 7.65
CA ASN A 94 4.14 -12.59 6.34
C ASN A 94 3.25 -11.33 6.45
N ASP A 95 3.51 -10.50 7.44
CA ASP A 95 2.81 -9.24 7.66
C ASP A 95 2.94 -8.27 6.47
N GLU A 96 1.84 -8.17 5.74
CA GLU A 96 1.70 -7.53 4.45
C GLU A 96 1.74 -5.99 4.64
N ILE A 97 1.11 -5.48 5.68
CA ILE A 97 1.21 -4.06 5.95
C ILE A 97 2.68 -3.67 6.22
N VAL A 98 3.40 -4.51 7.00
CA VAL A 98 4.78 -4.25 7.21
C VAL A 98 5.51 -4.38 5.90
N ASN A 99 5.32 -5.49 5.19
CA ASN A 99 6.15 -5.65 4.00
C ASN A 99 5.95 -4.56 2.97
N ARG A 100 4.71 -4.06 2.89
CA ARG A 100 4.35 -2.97 1.99
C ARG A 100 5.05 -1.63 2.27
N GLU A 101 5.24 -1.28 3.54
CA GLU A 101 6.01 -0.11 3.91
C GLU A 101 7.48 -0.30 3.50
N LEU A 102 7.96 -1.54 3.62
CA LEU A 102 9.35 -1.82 3.37
C LEU A 102 9.66 -1.58 1.89
N ILE A 103 8.78 -2.05 0.99
CA ILE A 103 9.04 -2.06 -0.47
C ILE A 103 8.94 -0.64 -1.00
N ASN A 104 7.98 0.08 -0.47
CA ASN A 104 7.84 1.50 -0.72
C ASN A 104 9.13 2.26 -0.43
N HIS A 105 9.72 1.97 0.74
CA HIS A 105 10.94 2.63 1.20
C HIS A 105 12.06 2.27 0.23
N ILE A 106 12.14 0.99 -0.12
CA ILE A 106 13.21 0.57 -0.99
C ILE A 106 13.01 1.23 -2.36
N ILE A 107 11.76 1.30 -2.84
CA ILE A 107 11.48 1.94 -4.11
C ILE A 107 11.91 3.40 -4.05
N GLN A 108 11.54 4.08 -2.97
CA GLN A 108 11.92 5.48 -2.85
C GLN A 108 13.47 5.61 -2.84
N TYR A 109 14.15 4.63 -2.23
CA TYR A 109 15.57 4.68 -2.14
C TYR A 109 16.19 4.39 -3.54
N ALA A 110 15.68 3.38 -4.22
CA ALA A 110 16.05 3.13 -5.60
C ALA A 110 15.94 4.38 -6.49
N LYS A 111 14.81 5.08 -6.41
CA LYS A 111 14.60 6.33 -7.15
C LYS A 111 15.70 7.33 -6.89
N GLU A 112 16.21 7.35 -5.67
CA GLU A 112 17.27 8.27 -5.30
C GLU A 112 18.61 7.87 -5.89
N GLN A 113 18.78 6.59 -6.22
CA GLN A 113 19.97 6.12 -6.91
C GLN A 113 19.89 6.18 -8.46
N ASN A 114 18.80 6.75 -8.99
CA ASN A 114 18.47 6.59 -10.40
C ASN A 114 18.28 5.13 -10.81
N ILE A 115 17.70 4.31 -9.97
CA ILE A 115 17.32 3.06 -10.49
C ILE A 115 15.91 3.15 -11.10
N GLU A 116 15.76 2.66 -12.32
CA GLU A 116 14.56 2.84 -13.16
C GLU A 116 13.77 1.55 -13.18
N THR A 117 14.47 0.45 -12.93
CA THR A 117 13.79 -0.82 -12.96
C THR A 117 14.20 -1.76 -11.82
N LEU A 118 13.20 -2.39 -11.20
CA LEU A 118 13.50 -3.38 -10.19
C LEU A 118 12.91 -4.72 -10.60
N ILE A 120 12.32 -8.97 -9.20
CA ILE A 120 12.34 -9.90 -8.09
C ILE A 120 11.94 -11.29 -8.63
N ALA A 121 12.53 -12.35 -8.08
CA ALA A 121 12.16 -13.72 -8.42
C ALA A 121 11.19 -14.15 -7.34
N ILE A 122 10.12 -14.80 -7.75
CA ILE A 122 9.10 -15.32 -6.87
C ILE A 122 8.85 -16.78 -7.24
N ALA A 123 8.62 -17.62 -6.23
CA ALA A 123 8.31 -19.03 -6.46
C ALA A 123 7.14 -19.07 -7.44
N SER A 124 7.21 -19.94 -8.44
CA SER A 124 6.20 -20.05 -9.49
C SER A 124 4.73 -20.22 -9.09
N ASN A 125 4.51 -20.99 -8.05
CA ASN A 125 3.17 -21.34 -7.62
C ASN A 125 2.76 -20.42 -6.48
N ASN A 126 3.57 -19.41 -6.20
CA ASN A 126 3.24 -18.52 -5.11
C ASN A 126 2.27 -17.45 -5.50
N ILE A 127 0.98 -17.73 -5.45
CA ILE A 127 0.07 -16.72 -5.99
C ILE A 127 -0.22 -15.56 -5.02
N SER A 128 -0.04 -15.76 -3.70
CA SER A 128 -0.04 -14.64 -2.75
C SER A 128 0.95 -13.56 -3.09
N ALA A 129 2.16 -13.99 -3.42
CA ALA A 129 3.21 -13.04 -3.70
C ALA A 129 2.89 -12.34 -5.03
N LYS A 130 2.34 -13.11 -5.99
CA LYS A 130 2.02 -12.49 -7.32
C LYS A 130 0.92 -11.44 -7.15
N VAL A 131 -0.13 -11.76 -6.38
CA VAL A 131 -1.14 -10.77 -5.97
C VAL A 131 -0.54 -9.50 -5.29
N PHE A 132 0.24 -9.74 -4.23
CA PHE A 132 0.88 -8.67 -3.50
C PHE A 132 1.76 -7.77 -4.34
N PHE A 133 2.72 -8.34 -5.05
CA PHE A 133 3.62 -7.48 -5.83
C PHE A 133 2.84 -6.86 -6.97
N SER A 134 1.95 -7.67 -7.49
CA SER A 134 1.06 -7.15 -8.46
C SER A 134 0.38 -5.87 -7.94
N SER A 135 0.00 -5.80 -6.67
CA SER A 135 -0.66 -4.58 -6.22
C SER A 135 0.27 -3.40 -5.93
N ILE A 136 1.59 -3.60 -6.00
CA ILE A 136 2.49 -2.48 -5.92
C ILE A 136 2.91 -2.06 -7.30
N GLY A 137 2.56 -2.87 -8.31
CA GLY A 137 2.85 -2.53 -9.71
C GLY A 137 3.82 -3.48 -10.43
N PHE A 138 4.27 -4.55 -9.79
CA PHE A 138 5.18 -5.49 -10.46
C PHE A 138 4.38 -6.34 -11.45
N GLU A 139 4.88 -6.56 -12.66
CA GLU A 139 4.23 -7.56 -13.57
C GLU A 139 5.24 -8.59 -14.00
N ASN A 140 4.74 -9.76 -14.42
CA ASN A 140 5.58 -10.92 -14.82
C ASN A 140 6.38 -10.58 -16.07
N LEU A 141 7.67 -10.90 -16.01
CA LEU A 141 8.59 -10.65 -17.09
C LEU A 141 8.94 -11.97 -17.71
N ALA A 142 9.20 -12.99 -16.91
CA ALA A 142 9.41 -14.30 -17.50
C ALA A 142 9.37 -15.43 -16.51
N PHE A 143 9.24 -16.63 -17.03
CA PHE A 143 9.12 -17.80 -16.22
C PHE A 143 10.47 -18.52 -16.30
N GLU A 144 11.08 -18.82 -15.17
CA GLU A 144 12.34 -19.54 -15.20
C GLU A 144 12.16 -20.96 -14.66
N LYS A 145 12.01 -21.94 -15.56
CA LYS A 145 12.06 -23.35 -15.16
C LYS A 145 13.43 -23.64 -14.57
N ASN A 146 13.46 -24.49 -13.53
CA ASN A 146 14.68 -24.86 -12.82
C ASN A 146 15.60 -23.68 -12.51
N ALA A 147 14.97 -22.58 -12.12
CA ALA A 147 15.66 -21.39 -11.65
C ALA A 147 16.59 -21.65 -10.46
N SER A 148 16.22 -22.60 -9.59
CA SER A 148 16.96 -22.80 -8.35
C SER A 148 17.06 -24.26 -8.13
N LYS A 149 18.22 -24.67 -7.62
CA LYS A 149 18.46 -26.04 -7.21
C LYS A 149 19.06 -26.02 -5.81
N ILE A 150 18.60 -26.94 -4.95
CA ILE A 150 19.19 -27.10 -3.62
C ILE A 150 19.19 -28.59 -3.37
N GLY A 151 20.38 -29.15 -3.18
CA GLY A 151 20.54 -30.61 -3.14
C GLY A 151 20.24 -31.04 -4.54
N ASN A 152 19.29 -31.96 -4.70
CA ASN A 152 18.79 -32.30 -6.03
C ASN A 152 17.29 -32.00 -6.16
N GLU A 153 16.92 -30.83 -5.63
CA GLU A 153 15.58 -30.30 -5.75
C GLU A 153 15.60 -29.07 -6.63
N TYR A 154 14.69 -29.01 -7.60
CA TYR A 154 14.56 -27.81 -8.41
C TYR A 154 13.32 -27.00 -8.04
N PHE A 155 13.33 -25.74 -8.46
CA PHE A 155 12.26 -24.80 -8.20
C PHE A 155 12.15 -23.88 -9.41
N ASP A 156 10.93 -23.74 -9.92
CA ASP A 156 10.64 -22.77 -10.94
C ASP A 156 10.31 -21.43 -10.32
N GLU A 157 10.73 -20.36 -10.98
CA GLU A 157 10.45 -19.00 -10.50
C GLU A 157 9.92 -18.22 -11.66
N ASN A 158 9.20 -17.15 -11.33
CA ASN A 158 8.89 -16.09 -12.27
C ASN A 158 9.59 -14.84 -11.86
N TRP A 159 10.11 -14.14 -12.85
CA TRP A 159 10.69 -12.84 -12.58
C TRP A 159 9.61 -11.83 -12.78
N LEU A 160 9.41 -11.02 -11.76
CA LEU A 160 8.54 -9.85 -11.86
C LEU A 160 9.37 -8.60 -12.06
N ILE A 161 8.79 -7.58 -12.64
CA ILE A 161 9.52 -6.35 -12.88
C ILE A 161 8.65 -5.12 -12.66
N TYR A 162 9.31 -4.09 -12.16
CA TYR A 162 8.63 -2.85 -11.84
C TYR A 162 9.42 -1.68 -12.34
N SER A 163 8.77 -0.72 -12.94
CA SER A 163 9.43 0.49 -13.33
C SER A 163 9.15 1.65 -12.40
N THR A 164 10.14 2.05 -11.62
CA THR A 164 10.15 3.37 -10.97
C THR A 164 10.17 4.48 -12.04
N THR A 165 10.56 4.11 -13.26
CA THR A 165 11.04 5.03 -14.33
C THR A 165 11.32 6.47 -13.92
N ASN B 5 48.49 -23.86 -31.25
CA ASN B 5 47.13 -23.59 -31.80
C ASN B 5 46.02 -24.35 -31.05
N ASN B 6 45.43 -23.70 -30.04
CA ASN B 6 44.22 -24.18 -29.35
C ASN B 6 43.71 -23.22 -28.27
N ILE B 7 42.75 -23.70 -27.46
CA ILE B 7 42.03 -22.91 -26.46
C ILE B 7 42.45 -23.27 -25.04
N ARG B 8 42.76 -22.26 -24.24
CA ARG B 8 43.05 -22.46 -22.84
C ARG B 8 42.32 -21.43 -22.00
N LEU B 9 42.30 -21.66 -20.69
CA LEU B 9 41.83 -20.65 -19.76
C LEU B 9 42.80 -19.47 -19.77
N LEU B 10 42.26 -18.30 -20.10
CA LEU B 10 43.00 -17.06 -19.92
C LEU B 10 43.23 -16.80 -18.43
N ASN B 11 44.23 -15.97 -18.14
CA ASN B 11 44.63 -15.66 -16.79
C ASN B 11 45.28 -14.27 -16.76
N GLN B 12 45.63 -13.76 -15.57
CA GLN B 12 46.27 -12.44 -15.45
C GLN B 12 47.59 -12.23 -16.22
N ASN B 13 48.09 -13.29 -16.86
CA ASN B 13 49.21 -13.21 -17.79
C ASN B 13 48.79 -12.79 -19.20
N ASP B 14 47.50 -12.59 -19.40
CA ASP B 14 47.01 -12.31 -20.72
C ASP B 14 46.33 -10.94 -20.80
N LEU B 15 46.40 -10.19 -19.71
CA LEU B 15 45.78 -8.89 -19.67
C LEU B 15 46.13 -8.08 -20.92
N ASP B 16 47.42 -8.06 -21.27
CA ASP B 16 47.89 -7.37 -22.47
C ASP B 16 47.09 -7.77 -23.71
N SER B 17 47.20 -9.03 -24.11
CA SER B 17 46.52 -9.57 -25.28
C SER B 17 45.05 -9.23 -25.26
N TYR B 18 44.47 -9.17 -24.07
CA TYR B 18 43.04 -9.06 -23.91
C TYR B 18 42.50 -7.65 -24.15
N ILE B 19 43.34 -6.63 -23.95
CA ILE B 19 42.94 -5.28 -24.32
C ILE B 19 42.99 -5.10 -25.83
N GLU B 20 44.08 -5.55 -26.45
CA GLU B 20 44.23 -5.53 -27.91
C GLU B 20 43.09 -6.21 -28.65
N LEU B 21 42.71 -7.43 -28.21
CA LEU B 21 41.57 -8.13 -28.82
C LEU B 21 40.27 -7.36 -28.60
N LYS B 23 40.18 -4.04 -28.47
CA LYS B 23 40.31 -2.80 -29.21
C LYS B 23 39.73 -2.84 -30.64
N PHE B 24 39.52 -4.04 -31.17
CA PHE B 24 39.00 -4.20 -32.54
C PHE B 24 38.20 -5.49 -32.79
N GLY B 25 38.29 -6.44 -31.87
CA GLY B 25 37.57 -7.70 -31.96
C GLY B 25 36.06 -7.57 -31.96
N HIS B 26 35.54 -6.65 -31.16
CA HIS B 26 34.11 -6.46 -31.10
C HIS B 26 33.74 -5.01 -31.33
N HIS B 27 34.74 -4.18 -31.62
CA HIS B 27 34.59 -2.76 -31.98
C HIS B 27 33.66 -2.61 -33.22
N ASN B 28 32.44 -3.14 -33.10
CA ASN B 28 31.37 -3.15 -34.13
C ASN B 28 30.28 -2.16 -33.78
N TYR B 29 29.36 -2.63 -32.94
CA TYR B 29 28.24 -1.84 -32.45
C TYR B 29 28.70 -0.86 -31.39
N GLU B 30 27.90 0.19 -31.16
CA GLU B 30 28.22 1.26 -30.20
C GLU B 30 28.34 0.76 -28.75
N TRP B 31 27.62 -0.31 -28.41
CA TRP B 31 27.82 -1.03 -27.15
C TRP B 31 29.30 -1.32 -27.01
N ASP B 32 29.84 -2.07 -27.98
CA ASP B 32 31.22 -2.54 -27.98
C ASP B 32 32.24 -1.40 -27.85
N ARG B 33 31.88 -0.24 -28.41
CA ARG B 33 32.69 0.97 -28.31
C ARG B 33 32.64 1.61 -26.93
N TYR B 34 31.46 1.61 -26.31
CA TYR B 34 31.24 2.20 -24.98
C TYR B 34 31.85 1.35 -23.84
N TYR B 35 31.74 0.02 -23.97
CA TYR B 35 32.38 -0.89 -23.04
C TYR B 35 33.85 -0.50 -22.88
N LEU B 36 34.55 -0.41 -24.01
CA LEU B 36 35.96 -0.02 -24.07
C LEU B 36 36.14 1.29 -23.32
N GLU B 37 35.35 2.28 -23.71
CA GLU B 37 35.43 3.66 -23.23
C GLU B 37 35.29 3.77 -21.72
N ASN B 38 34.44 2.93 -21.14
CA ASN B 38 34.23 2.98 -19.70
C ASN B 38 34.04 1.63 -18.99
N VAL B 39 35.15 0.89 -18.84
CA VAL B 39 35.21 -0.32 -18.02
C VAL B 39 36.54 -0.33 -17.26
N SER B 40 36.54 -0.89 -16.05
CA SER B 40 37.72 -0.86 -15.18
C SER B 40 38.71 -2.03 -15.39
N ILE B 41 39.99 -1.70 -15.25
CA ILE B 41 41.10 -2.64 -15.35
C ILE B 41 41.20 -3.49 -14.08
N ASP B 42 40.59 -2.99 -13.01
CA ASP B 42 40.48 -3.70 -11.75
C ASP B 42 39.63 -4.97 -11.91
N ARG B 43 38.35 -4.80 -12.28
CA ARG B 43 37.41 -5.91 -12.46
C ARG B 43 38.00 -6.98 -13.37
N LEU B 44 38.82 -6.51 -14.30
CA LEU B 44 39.41 -7.37 -15.31
C LEU B 44 40.44 -8.27 -14.68
N LYS B 45 41.37 -7.63 -13.99
CA LYS B 45 42.45 -8.31 -13.27
C LYS B 45 41.81 -9.28 -12.26
N THR B 46 40.74 -8.81 -11.62
CA THR B 46 39.90 -9.64 -10.78
C THR B 46 39.46 -10.89 -11.54
N ILE B 47 38.72 -10.70 -12.65
CA ILE B 47 38.17 -11.81 -13.41
C ILE B 47 39.26 -12.77 -13.86
N LEU B 48 40.37 -12.20 -14.33
CA LEU B 48 41.48 -12.96 -14.88
C LEU B 48 42.23 -13.86 -13.88
N SER B 49 42.14 -13.52 -12.59
CA SER B 49 42.72 -14.30 -11.51
C SER B 49 41.96 -15.63 -11.29
N ASN B 50 42.64 -16.60 -10.69
CA ASN B 50 42.04 -17.89 -10.31
C ASN B 50 41.37 -17.91 -8.91
N HIS B 51 41.52 -16.83 -8.14
CA HIS B 51 40.78 -16.71 -6.89
C HIS B 51 39.32 -16.45 -7.20
N THR B 52 39.05 -15.86 -8.38
CA THR B 52 37.72 -15.75 -8.95
C THR B 52 37.38 -17.04 -9.67
N ASP B 53 37.43 -18.11 -8.90
CA ASP B 53 37.13 -19.49 -9.24
C ASP B 53 35.99 -19.75 -10.27
N TYR B 54 34.96 -18.90 -10.27
CA TYR B 54 33.76 -19.09 -11.10
C TYR B 54 33.58 -18.04 -12.21
N TRP B 55 34.54 -17.11 -12.30
CA TRP B 55 34.48 -16.01 -13.26
C TRP B 55 35.60 -16.18 -14.30
N ASN B 56 35.31 -16.85 -15.41
CA ASN B 56 36.36 -17.33 -16.30
C ASN B 56 36.33 -16.84 -17.73
N ILE B 57 37.39 -16.19 -18.15
CA ILE B 57 37.55 -15.81 -19.53
C ILE B 57 38.32 -16.91 -20.27
N PHE B 58 37.75 -17.41 -21.36
CA PHE B 58 38.51 -18.32 -22.22
C PHE B 58 38.99 -17.63 -23.48
N GLY B 59 40.15 -18.05 -23.98
CA GLY B 59 40.71 -17.54 -25.23
C GLY B 59 41.06 -18.60 -26.25
N ALA B 60 40.85 -18.29 -27.53
CA ALA B 60 41.36 -19.13 -28.63
C ALA B 60 42.65 -18.52 -29.19
N PHE B 61 43.66 -19.36 -29.40
CA PHE B 61 44.97 -18.89 -29.81
C PHE B 61 45.42 -19.45 -31.14
N GLU B 62 45.77 -18.54 -32.04
CA GLU B 62 46.51 -18.84 -33.26
C GLU B 62 47.96 -18.41 -32.99
N ASP B 63 48.87 -19.38 -32.93
CA ASP B 63 50.26 -19.13 -32.49
C ASP B 63 50.30 -18.21 -31.26
N ASP B 64 51.00 -17.09 -31.35
CA ASP B 64 51.10 -16.13 -30.23
C ASP B 64 49.83 -15.27 -30.05
N GLU B 65 48.98 -15.22 -31.08
CA GLU B 65 47.86 -14.29 -31.12
C GLU B 65 46.57 -14.82 -30.50
N LEU B 66 46.01 -14.03 -29.59
CA LEU B 66 44.68 -14.31 -29.09
C LEU B 66 43.68 -13.94 -30.20
N VAL B 67 42.77 -14.86 -30.52
CA VAL B 67 41.97 -14.74 -31.75
C VAL B 67 40.49 -14.63 -31.43
N ALA B 68 40.07 -15.33 -30.38
CA ALA B 68 38.74 -15.17 -29.88
C ALA B 68 38.76 -15.17 -28.36
N THR B 69 37.62 -14.81 -27.76
CA THR B 69 37.50 -14.69 -26.30
C THR B 69 36.05 -14.80 -25.86
N CYS B 70 35.83 -15.33 -24.66
CA CYS B 70 34.50 -15.35 -24.10
C CYS B 70 34.52 -15.59 -22.61
N THR B 71 33.67 -14.90 -21.86
CA THR B 71 33.61 -15.11 -20.40
C THR B 71 32.54 -16.09 -19.96
N LEU B 72 32.92 -16.98 -19.04
CA LEU B 72 31.94 -17.79 -18.34
C LEU B 72 31.83 -17.32 -16.90
N LYS B 73 30.64 -16.84 -16.55
CA LYS B 73 30.37 -16.39 -15.19
C LYS B 73 29.35 -17.31 -14.57
N GLN B 74 29.81 -18.18 -13.70
CA GLN B 74 28.93 -19.09 -13.00
C GLN B 74 28.36 -18.33 -11.78
N ASN B 76 27.85 -17.87 -8.42
CA ASN B 76 28.06 -18.38 -7.09
C ASN B 76 27.23 -17.60 -6.05
N TYR B 77 25.99 -18.10 -5.93
CA TYR B 77 24.91 -17.59 -5.09
C TYR B 77 24.11 -18.80 -4.64
N VAL B 78 23.54 -18.76 -3.44
CA VAL B 78 22.79 -19.89 -2.88
C VAL B 78 21.73 -20.43 -3.86
N GLY B 79 21.82 -21.72 -4.16
CA GLY B 79 20.89 -22.42 -5.06
C GLY B 79 20.99 -22.10 -6.54
N LYS B 80 22.07 -21.47 -6.95
CA LYS B 80 22.17 -21.00 -8.33
C LYS B 80 23.42 -21.46 -9.10
N CYS B 81 24.18 -22.36 -8.47
CA CYS B 81 25.44 -22.88 -9.03
C CYS B 81 25.31 -23.76 -10.22
N HIS B 82 24.11 -24.25 -10.50
CA HIS B 82 23.93 -25.07 -11.68
C HIS B 82 23.85 -24.21 -12.94
N LYS B 83 23.92 -22.90 -12.81
CA LYS B 83 23.71 -21.99 -13.96
C LYS B 83 24.87 -21.07 -14.23
N ALA B 84 24.95 -20.55 -15.44
CA ALA B 84 26.05 -19.67 -15.76
C ALA B 84 25.71 -18.80 -16.94
N ILE B 85 26.36 -17.65 -17.01
CA ILE B 85 26.11 -16.68 -18.06
C ILE B 85 27.35 -16.62 -18.91
N LEU B 86 27.15 -16.55 -20.23
CA LEU B 86 28.20 -16.27 -21.19
C LEU B 86 28.19 -14.80 -21.52
N GLU B 87 29.32 -14.13 -21.47
CA GLU B 87 29.36 -12.68 -21.72
C GLU B 87 30.63 -12.27 -22.45
N ASN B 88 30.59 -11.07 -23.02
CA ASN B 88 31.72 -10.44 -23.71
C ASN B 88 32.44 -11.37 -24.72
N ASN B 89 31.68 -11.85 -25.71
CA ASN B 89 32.23 -12.67 -26.80
C ASN B 89 32.98 -11.78 -27.82
N PHE B 90 34.30 -11.64 -27.68
CA PHE B 90 35.12 -10.88 -28.63
C PHE B 90 35.86 -11.79 -29.61
N VAL B 91 35.66 -11.53 -30.90
CA VAL B 91 36.30 -12.31 -31.95
C VAL B 91 37.03 -11.38 -32.88
N LYS B 92 38.19 -11.82 -33.36
CA LYS B 92 39.02 -11.04 -34.29
C LYS B 92 38.64 -11.38 -35.72
N ASN B 93 38.44 -10.33 -36.52
CA ASN B 93 37.99 -10.44 -37.92
C ASN B 93 36.59 -11.00 -38.08
N ASN B 94 36.01 -11.49 -37.00
CA ASN B 94 34.73 -12.14 -37.08
C ASN B 94 34.91 -13.50 -37.76
N ASP B 95 35.94 -14.22 -37.34
CA ASP B 95 36.13 -15.58 -37.77
C ASP B 95 35.21 -16.50 -36.95
N GLU B 96 34.13 -16.91 -37.59
CA GLU B 96 33.15 -17.77 -36.95
C GLU B 96 33.56 -19.22 -36.80
N ILE B 97 34.41 -19.73 -37.69
CA ILE B 97 34.86 -21.11 -37.57
C ILE B 97 35.53 -21.25 -36.21
N VAL B 98 36.30 -20.22 -35.87
CA VAL B 98 37.09 -20.16 -34.65
C VAL B 98 36.20 -19.96 -33.42
N ASN B 99 35.27 -19.01 -33.48
CA ASN B 99 34.39 -18.74 -32.34
C ASN B 99 33.55 -19.98 -32.01
N ARG B 100 32.98 -20.62 -33.04
CA ARG B 100 32.21 -21.85 -32.88
C ARG B 100 33.05 -22.87 -32.13
N GLU B 101 34.34 -22.95 -32.43
CA GLU B 101 35.19 -23.89 -31.73
C GLU B 101 35.37 -23.46 -30.27
N LEU B 102 35.50 -22.16 -30.06
CA LEU B 102 35.59 -21.60 -28.71
C LEU B 102 34.33 -21.88 -27.85
N ILE B 103 33.13 -21.59 -28.39
CA ILE B 103 31.87 -21.78 -27.64
C ILE B 103 31.75 -23.23 -27.23
N ASN B 104 32.05 -24.14 -28.14
CA ASN B 104 32.10 -25.55 -27.84
C ASN B 104 33.02 -25.94 -26.69
N HIS B 105 34.22 -25.36 -26.65
CA HIS B 105 35.17 -25.64 -25.57
C HIS B 105 34.49 -25.24 -24.27
N ILE B 106 33.87 -24.05 -24.30
CA ILE B 106 33.27 -23.49 -23.10
C ILE B 106 32.11 -24.36 -22.66
N ILE B 107 31.39 -24.96 -23.60
CA ILE B 107 30.33 -25.87 -23.22
C ILE B 107 30.90 -27.11 -22.54
N GLN B 108 31.97 -27.65 -23.09
CA GLN B 108 32.57 -28.85 -22.51
C GLN B 108 33.04 -28.60 -21.09
N TYR B 109 33.62 -27.42 -20.86
CA TYR B 109 34.05 -27.02 -19.54
C TYR B 109 32.87 -26.92 -18.57
N ALA B 110 31.77 -26.30 -19.03
CA ALA B 110 30.55 -26.15 -18.25
C ALA B 110 30.09 -27.50 -17.72
N LYS B 111 29.85 -28.43 -18.64
CA LYS B 111 29.48 -29.81 -18.31
C LYS B 111 30.38 -30.34 -17.20
N GLU B 112 31.68 -30.13 -17.35
CA GLU B 112 32.68 -30.71 -16.44
C GLU B 112 32.69 -30.01 -15.08
N GLN B 113 32.03 -28.88 -14.98
CA GLN B 113 31.84 -28.23 -13.69
C GLN B 113 30.45 -28.49 -13.17
N ASN B 114 29.72 -29.39 -13.82
CA ASN B 114 28.32 -29.65 -13.50
C ASN B 114 27.35 -28.46 -13.66
N ILE B 115 27.76 -27.45 -14.42
CA ILE B 115 26.85 -26.39 -14.79
C ILE B 115 25.78 -26.96 -15.73
N GLU B 116 24.53 -26.90 -15.28
CA GLU B 116 23.43 -27.49 -16.00
C GLU B 116 22.88 -26.64 -17.13
N THR B 117 22.89 -25.32 -16.97
CA THR B 117 22.35 -24.50 -18.01
C THR B 117 23.19 -23.23 -18.28
N LEU B 118 23.25 -22.83 -19.56
CA LEU B 118 23.94 -21.62 -19.97
C LEU B 118 22.95 -20.61 -20.49
N ILE B 120 22.77 -16.45 -22.21
CA ILE B 120 23.41 -15.29 -22.79
C ILE B 120 22.33 -14.27 -23.11
N ALA B 121 22.64 -13.01 -22.83
CA ALA B 121 21.77 -11.89 -23.18
C ALA B 121 22.38 -11.25 -24.41
N ILE B 122 21.59 -11.17 -25.48
CA ILE B 122 22.04 -10.57 -26.74
C ILE B 122 21.18 -9.38 -27.08
N ALA B 123 21.82 -8.29 -27.50
CA ALA B 123 21.12 -7.05 -27.90
C ALA B 123 20.15 -7.31 -29.03
N SER B 124 18.90 -6.96 -28.84
CA SER B 124 17.84 -7.29 -29.79
C SER B 124 18.16 -7.08 -31.28
N ASN B 125 19.13 -6.22 -31.59
CA ASN B 125 19.42 -5.99 -32.99
C ASN B 125 20.82 -6.44 -33.42
N ASN B 126 21.38 -7.37 -32.65
CA ASN B 126 22.55 -8.07 -33.09
C ASN B 126 22.15 -9.40 -33.72
N ILE B 127 21.50 -9.33 -34.87
CA ILE B 127 21.05 -10.54 -35.58
C ILE B 127 22.19 -11.54 -35.92
N SER B 128 23.34 -11.09 -36.40
CA SER B 128 24.42 -12.07 -36.56
C SER B 128 24.64 -12.98 -35.32
N ALA B 129 24.64 -12.37 -34.12
CA ALA B 129 24.82 -13.10 -32.86
C ALA B 129 23.68 -14.06 -32.49
N LYS B 130 22.44 -13.61 -32.73
CA LYS B 130 21.27 -14.46 -32.49
C LYS B 130 21.34 -15.70 -33.33
N VAL B 131 21.66 -15.50 -34.61
CA VAL B 131 21.89 -16.58 -35.56
C VAL B 131 23.06 -17.48 -35.15
N PHE B 132 24.20 -16.90 -34.81
CA PHE B 132 25.28 -17.71 -34.34
C PHE B 132 24.90 -18.60 -33.15
N PHE B 133 24.45 -18.00 -32.04
CA PHE B 133 24.27 -18.78 -30.80
C PHE B 133 23.11 -19.72 -30.94
N SER B 134 22.23 -19.32 -31.81
CA SER B 134 21.06 -20.07 -32.04
C SER B 134 21.49 -21.33 -32.78
N SER B 135 22.45 -21.18 -33.67
CA SER B 135 22.92 -22.28 -34.47
C SER B 135 23.69 -23.25 -33.60
N ILE B 136 24.13 -22.78 -32.44
CA ILE B 136 24.81 -23.64 -31.52
C ILE B 136 23.83 -24.51 -30.69
N GLY B 137 22.61 -24.02 -30.48
CA GLY B 137 21.58 -24.82 -29.81
C GLY B 137 20.86 -24.06 -28.70
N PHE B 138 21.16 -22.77 -28.59
CA PHE B 138 20.50 -21.90 -27.66
C PHE B 138 19.10 -21.64 -28.15
N GLU B 139 18.19 -21.37 -27.23
CA GLU B 139 16.78 -21.19 -27.56
C GLU B 139 16.28 -20.04 -26.75
N ASN B 140 15.16 -19.46 -27.17
CA ASN B 140 14.62 -18.27 -26.54
C ASN B 140 14.11 -18.55 -25.13
N LEU B 141 14.50 -17.72 -24.19
CA LEU B 141 14.03 -17.80 -22.79
C LEU B 141 13.11 -16.62 -22.51
N ALA B 142 13.62 -15.42 -22.70
CA ALA B 142 12.92 -14.19 -22.37
C ALA B 142 13.31 -13.00 -23.26
N PHE B 143 12.49 -11.98 -23.22
CA PHE B 143 12.74 -10.77 -23.97
C PHE B 143 12.63 -9.58 -23.03
N GLU B 144 13.69 -8.79 -22.95
CA GLU B 144 13.79 -7.73 -21.96
C GLU B 144 13.97 -6.34 -22.60
N LYS B 145 12.88 -5.58 -22.58
CA LYS B 145 12.87 -4.14 -22.93
C LYS B 145 13.89 -3.38 -22.07
N ASN B 146 14.63 -2.47 -22.68
CA ASN B 146 15.56 -1.61 -21.95
C ASN B 146 16.44 -2.35 -20.97
N ALA B 147 16.84 -3.55 -21.35
CA ALA B 147 17.86 -4.30 -20.62
C ALA B 147 19.16 -3.49 -20.36
N SER B 148 19.58 -2.66 -21.32
CA SER B 148 20.83 -1.94 -21.22
C SER B 148 20.57 -0.52 -21.55
N LYS B 149 21.21 0.37 -20.79
CA LYS B 149 21.11 1.79 -21.06
C LYS B 149 22.52 2.29 -21.32
N ILE B 150 22.68 3.09 -22.37
CA ILE B 150 23.93 3.76 -22.70
C ILE B 150 23.67 5.25 -22.83
N GLY B 151 24.49 6.07 -22.16
CA GLY B 151 24.25 7.51 -22.11
C GLY B 151 22.83 7.61 -21.64
N ASN B 152 21.98 8.25 -22.42
CA ASN B 152 20.54 8.06 -22.18
C ASN B 152 19.79 7.47 -23.38
N GLU B 153 20.32 6.35 -23.86
CA GLU B 153 19.82 5.65 -25.04
C GLU B 153 19.69 4.19 -24.62
N TYR B 154 18.53 3.57 -24.88
CA TYR B 154 18.25 2.20 -24.36
C TYR B 154 18.39 1.06 -25.37
N PHE B 155 18.57 -0.15 -24.89
CA PHE B 155 18.66 -1.33 -25.73
C PHE B 155 17.93 -2.55 -25.15
N ASP B 156 17.09 -3.17 -25.96
CA ASP B 156 16.41 -4.41 -25.59
C ASP B 156 17.34 -5.62 -25.69
N GLU B 157 17.05 -6.67 -24.93
CA GLU B 157 17.89 -7.86 -25.06
C GLU B 157 17.04 -9.11 -25.13
N ASN B 158 17.55 -10.07 -25.90
CA ASN B 158 16.93 -11.38 -25.96
C ASN B 158 17.80 -12.30 -25.15
N TRP B 159 17.16 -12.96 -24.21
CA TRP B 159 17.83 -13.90 -23.38
C TRP B 159 17.62 -15.25 -24.00
N LEU B 160 18.77 -15.88 -24.28
CA LEU B 160 18.79 -17.27 -24.74
C LEU B 160 19.33 -18.26 -23.70
N ILE B 161 18.89 -19.50 -23.83
CA ILE B 161 19.28 -20.55 -22.90
C ILE B 161 19.73 -21.82 -23.67
N TYR B 162 20.78 -22.44 -23.16
CA TYR B 162 21.23 -23.73 -23.62
C TYR B 162 21.31 -24.64 -22.41
N SER B 163 20.82 -25.86 -22.56
CA SER B 163 20.91 -26.84 -21.50
C SER B 163 22.00 -27.88 -21.78
N THR B 164 22.84 -28.15 -20.80
CA THR B 164 23.94 -29.08 -21.02
C THR B 164 23.61 -30.49 -20.56
N THR B 165 22.32 -30.82 -20.46
CA THR B 165 21.87 -32.15 -20.00
C THR B 165 21.05 -32.85 -21.10
N GLU B 166 21.19 -34.18 -21.22
CA GLU B 166 20.53 -34.97 -22.30
C GLU B 166 18.97 -34.99 -22.26
N SER B 167 18.37 -34.00 -21.57
CA SER B 167 16.91 -33.86 -21.32
C SER B 167 15.93 -34.52 -22.32
N SER B 168 15.47 -33.72 -23.29
CA SER B 168 14.56 -34.15 -24.37
C SER B 168 13.51 -35.19 -23.93
N ASN C 5 1.55 13.13 -9.09
CA ASN C 5 2.71 13.73 -8.41
C ASN C 5 2.46 14.60 -7.15
N ASN C 6 1.21 14.77 -6.74
CA ASN C 6 0.92 15.62 -5.57
C ASN C 6 -0.45 15.35 -4.94
N ILE C 7 -0.47 15.26 -3.61
CA ILE C 7 -1.68 15.21 -2.82
C ILE C 7 -1.76 16.45 -1.91
N ARG C 8 -2.90 17.14 -1.88
CA ARG C 8 -3.04 18.36 -1.08
C ARG C 8 -4.49 18.62 -0.73
N LEU C 9 -4.70 19.46 0.29
CA LEU C 9 -6.01 19.97 0.67
C LEU C 9 -6.64 20.72 -0.51
N LEU C 10 -7.91 20.50 -0.77
CA LEU C 10 -8.62 21.29 -1.79
C LEU C 10 -9.22 22.57 -1.16
N ASN C 11 -9.41 23.62 -1.95
CA ASN C 11 -10.16 24.80 -1.47
C ASN C 11 -11.18 25.22 -2.51
N GLN C 12 -11.73 26.42 -2.38
CA GLN C 12 -12.88 26.74 -3.21
C GLN C 12 -12.46 26.90 -4.64
N ASN C 13 -11.19 27.21 -4.84
CA ASN C 13 -10.59 27.15 -6.14
C ASN C 13 -10.90 25.84 -6.89
N ASP C 14 -10.80 24.69 -6.24
CA ASP C 14 -10.91 23.45 -6.97
C ASP C 14 -12.34 22.95 -7.26
N LEU C 15 -13.36 23.73 -6.95
CA LEU C 15 -14.75 23.32 -7.23
C LEU C 15 -14.95 22.71 -8.64
N ASP C 16 -14.57 23.41 -9.70
CA ASP C 16 -14.73 22.87 -11.08
C ASP C 16 -14.21 21.44 -11.23
N SER C 17 -12.93 21.26 -10.89
CA SER C 17 -12.23 20.01 -10.96
C SER C 17 -12.99 18.91 -10.21
N TYR C 18 -13.39 19.22 -9.00
CA TYR C 18 -14.16 18.31 -8.22
C TYR C 18 -15.55 17.98 -8.89
N ILE C 19 -16.18 18.96 -9.54
CA ILE C 19 -17.40 18.64 -10.28
C ILE C 19 -17.01 17.71 -11.41
N GLU C 20 -15.96 18.10 -12.15
CA GLU C 20 -15.44 17.35 -13.30
C GLU C 20 -15.23 15.88 -12.87
N LEU C 21 -14.59 15.66 -11.72
CA LEU C 21 -14.20 14.34 -11.28
C LEU C 21 -15.44 13.51 -10.95
N LYS C 23 -18.10 13.84 -12.31
CA LYS C 23 -18.90 13.70 -13.54
C LYS C 23 -18.49 12.53 -14.43
N PHE C 24 -17.33 11.93 -14.14
CA PHE C 24 -16.94 10.71 -14.84
C PHE C 24 -17.90 9.53 -14.65
N GLY C 25 -18.57 9.48 -13.50
CA GLY C 25 -19.52 8.40 -13.21
C GLY C 25 -18.80 7.09 -12.97
N HIS C 26 -17.57 7.18 -12.48
CA HIS C 26 -16.72 6.03 -12.26
C HIS C 26 -17.01 5.27 -10.98
N HIS C 27 -17.83 5.83 -10.11
CA HIS C 27 -18.16 5.15 -8.85
C HIS C 27 -19.00 3.89 -9.15
N ASN C 28 -18.57 2.78 -8.57
CA ASN C 28 -19.19 1.46 -8.88
C ASN C 28 -20.63 1.32 -8.47
N TYR C 29 -21.04 2.10 -7.47
CA TYR C 29 -22.44 2.14 -7.07
C TYR C 29 -23.11 3.45 -7.41
N GLU C 30 -22.45 4.24 -8.25
CA GLU C 30 -23.06 5.46 -8.77
C GLU C 30 -23.31 6.48 -7.67
N TRP C 31 -22.63 6.32 -6.56
CA TRP C 31 -22.78 7.27 -5.49
C TRP C 31 -22.36 8.61 -5.99
N ASP C 32 -21.70 8.67 -7.12
CA ASP C 32 -21.32 9.96 -7.61
C ASP C 32 -22.44 10.66 -8.32
N ARG C 33 -23.22 10.02 -9.19
CA ARG C 33 -24.29 10.87 -9.72
C ARG C 33 -25.40 11.19 -8.75
N TYR C 34 -25.61 10.30 -7.77
CA TYR C 34 -26.58 10.54 -6.70
C TYR C 34 -26.22 11.82 -5.93
N TYR C 35 -24.94 11.87 -5.50
CA TYR C 35 -24.39 13.04 -4.81
C TYR C 35 -24.56 14.29 -5.69
N LEU C 36 -24.05 14.24 -6.92
CA LEU C 36 -24.24 15.33 -7.89
C LEU C 36 -25.68 15.76 -7.93
N GLU C 37 -26.59 14.88 -8.34
CA GLU C 37 -28.02 15.25 -8.53
C GLU C 37 -28.69 15.90 -7.32
N ASN C 38 -28.08 15.80 -6.14
CA ASN C 38 -28.78 16.18 -4.91
C ASN C 38 -28.17 17.29 -4.07
N VAL C 39 -26.85 17.23 -3.93
CA VAL C 39 -26.07 18.18 -3.17
C VAL C 39 -26.16 19.63 -3.74
N SER C 40 -26.06 20.63 -2.87
CA SER C 40 -26.09 22.05 -3.32
C SER C 40 -24.68 22.62 -3.53
N ILE C 41 -24.54 23.57 -4.46
CA ILE C 41 -23.27 24.29 -4.66
C ILE C 41 -22.80 24.90 -3.34
N ASP C 42 -23.75 25.53 -2.65
CA ASP C 42 -23.53 26.07 -1.32
C ASP C 42 -22.84 25.10 -0.40
N ARG C 43 -23.37 23.88 -0.31
CA ARG C 43 -22.82 22.91 0.59
C ARG C 43 -21.42 22.51 0.15
N LEU C 44 -21.17 22.41 -1.15
CA LEU C 44 -19.85 21.98 -1.63
C LEU C 44 -18.83 23.04 -1.29
N LYS C 45 -19.21 24.29 -1.61
CA LYS C 45 -18.47 25.48 -1.26
C LYS C 45 -18.18 25.57 0.23
N THR C 46 -19.15 25.20 1.07
CA THR C 46 -18.94 25.25 2.51
C THR C 46 -17.82 24.34 2.94
N ILE C 47 -17.87 23.06 2.52
CA ILE C 47 -16.89 22.05 2.85
C ILE C 47 -15.50 22.49 2.35
N LEU C 48 -15.44 22.87 1.09
CA LEU C 48 -14.21 23.23 0.44
C LEU C 48 -13.47 24.45 1.03
N SER C 49 -14.07 25.15 1.98
CA SER C 49 -13.44 26.42 2.41
C SER C 49 -12.44 26.29 3.56
N ASN C 50 -11.53 27.27 3.67
CA ASN C 50 -10.50 27.26 4.70
C ASN C 50 -11.15 27.27 6.07
N HIS C 51 -12.21 28.06 6.22
CA HIS C 51 -12.81 28.29 7.53
C HIS C 51 -13.44 27.02 8.14
N THR C 52 -13.88 26.05 7.35
CA THR C 52 -14.40 24.82 7.98
C THR C 52 -13.25 23.89 8.35
N ASP C 53 -12.67 24.19 9.49
CA ASP C 53 -11.46 23.59 10.00
C ASP C 53 -11.36 22.04 10.09
N TYR C 54 -12.49 21.38 10.37
CA TYR C 54 -12.57 19.94 10.62
C TYR C 54 -13.22 19.21 9.42
N TRP C 55 -13.49 19.93 8.34
CA TRP C 55 -14.19 19.37 7.20
C TRP C 55 -13.30 19.64 5.98
N ASN C 56 -12.57 18.63 5.51
CA ASN C 56 -11.49 18.81 4.56
C ASN C 56 -11.48 17.80 3.44
N ILE C 57 -11.59 18.30 2.22
CA ILE C 57 -11.40 17.46 1.03
C ILE C 57 -9.93 17.34 0.63
N PHE C 58 -9.35 16.15 0.69
CA PHE C 58 -7.98 15.98 0.11
C PHE C 58 -8.09 15.46 -1.29
N GLY C 59 -7.16 15.88 -2.11
CA GLY C 59 -7.17 15.61 -3.57
C GLY C 59 -5.80 15.10 -4.02
N ALA C 60 -5.85 14.15 -4.96
CA ALA C 60 -4.65 13.62 -5.60
C ALA C 60 -4.52 14.19 -7.02
N PHE C 61 -3.33 14.66 -7.36
CA PHE C 61 -3.16 15.29 -8.67
C PHE C 61 -2.14 14.58 -9.54
N GLU C 62 -2.58 14.29 -10.75
CA GLU C 62 -1.72 13.78 -11.81
C GLU C 62 -1.54 15.00 -12.70
N ASP C 63 -0.38 15.63 -12.59
CA ASP C 63 -0.15 16.99 -13.10
C ASP C 63 -1.10 18.04 -12.52
N ASP C 64 -1.92 18.64 -13.36
CA ASP C 64 -2.90 19.62 -12.89
C ASP C 64 -4.29 18.96 -12.81
N GLU C 65 -4.32 17.64 -12.97
CA GLU C 65 -5.58 16.94 -13.02
C GLU C 65 -5.89 16.32 -11.68
N LEU C 66 -7.02 16.75 -11.14
CA LEU C 66 -7.57 16.19 -9.92
C LEU C 66 -8.02 14.78 -10.29
N VAL C 67 -7.39 13.79 -9.70
CA VAL C 67 -7.56 12.45 -10.21
C VAL C 67 -8.25 11.51 -9.23
N ALA C 68 -8.24 11.90 -7.96
CA ALA C 68 -9.02 11.25 -6.94
C ALA C 68 -9.26 12.25 -5.78
N THR C 69 -10.38 12.12 -5.09
CA THR C 69 -10.54 12.81 -3.81
C THR C 69 -11.06 11.89 -2.72
N CYS C 70 -10.83 12.28 -1.47
CA CYS C 70 -11.57 11.75 -0.36
C CYS C 70 -11.71 12.84 0.72
N THR C 71 -12.86 12.87 1.39
CA THR C 71 -13.08 13.91 2.40
C THR C 71 -12.88 13.39 3.79
N LEU C 72 -12.35 14.23 4.67
CA LEU C 72 -12.23 13.90 6.06
C LEU C 72 -13.03 14.86 6.94
N LYS C 73 -13.96 14.29 7.67
CA LYS C 73 -14.86 15.08 8.46
C LYS C 73 -14.75 14.76 9.95
N GLN C 74 -14.11 15.60 10.73
CA GLN C 74 -13.86 15.34 12.13
C GLN C 74 -15.13 15.64 12.91
N ASN C 76 -17.38 17.08 15.26
CA ASN C 76 -17.35 18.38 15.98
C ASN C 76 -18.28 18.37 17.20
N TYR C 77 -18.22 17.33 18.05
CA TYR C 77 -19.13 17.17 19.22
C TYR C 77 -18.45 16.65 20.49
N VAL C 78 -18.90 17.13 21.65
CA VAL C 78 -18.27 16.82 22.95
C VAL C 78 -17.97 15.34 23.06
N GLY C 79 -16.72 15.00 23.34
CA GLY C 79 -16.28 13.60 23.46
C GLY C 79 -16.14 12.80 22.17
N LYS C 80 -16.43 13.41 21.03
CA LYS C 80 -16.49 12.73 19.74
C LYS C 80 -15.39 13.19 18.78
N CYS C 81 -14.58 14.16 19.19
CA CYS C 81 -13.59 14.71 18.27
C CYS C 81 -12.30 13.92 18.15
N HIS C 82 -12.21 12.82 18.91
CA HIS C 82 -11.19 11.81 18.67
C HIS C 82 -11.56 10.94 17.48
N LYS C 83 -12.76 11.12 16.97
CA LYS C 83 -13.26 10.34 15.85
C LYS C 83 -13.40 11.16 14.60
N ALA C 84 -13.35 10.51 13.44
CA ALA C 84 -13.46 11.23 12.18
C ALA C 84 -14.05 10.29 11.16
N ILE C 85 -14.80 10.80 10.18
CA ILE C 85 -15.28 9.87 9.17
C ILE C 85 -14.74 10.21 7.78
N LEU C 86 -14.55 9.23 6.91
CA LEU C 86 -14.07 9.45 5.54
C LEU C 86 -15.27 9.29 4.62
N GLU C 87 -15.49 10.24 3.71
CA GLU C 87 -16.68 10.28 2.87
C GLU C 87 -16.28 10.63 1.44
N ASN C 88 -17.18 10.38 0.49
CA ASN C 88 -17.05 10.86 -0.89
C ASN C 88 -15.68 10.57 -1.52
N ASN C 89 -15.17 9.39 -1.21
CA ASN C 89 -14.01 8.85 -1.88
C ASN C 89 -14.30 8.62 -3.36
N PHE C 90 -13.98 9.58 -4.20
CA PHE C 90 -14.14 9.45 -5.66
C PHE C 90 -12.80 9.31 -6.36
N VAL C 91 -12.60 8.17 -7.02
CA VAL C 91 -11.32 7.85 -7.62
C VAL C 91 -11.48 7.57 -9.10
N LYS C 92 -10.91 8.42 -9.93
CA LYS C 92 -10.89 8.21 -11.37
C LYS C 92 -10.39 6.82 -11.72
N ASN C 93 -11.13 6.13 -12.59
CA ASN C 93 -10.81 4.75 -12.99
C ASN C 93 -10.80 3.76 -11.83
N ASN C 94 -11.24 4.16 -10.64
CA ASN C 94 -11.01 3.33 -9.45
C ASN C 94 -9.55 2.86 -9.20
N ASP C 95 -8.59 3.53 -9.82
CA ASP C 95 -7.17 3.33 -9.54
C ASP C 95 -6.77 3.17 -8.06
N GLU C 96 -6.40 1.96 -7.69
CA GLU C 96 -5.98 1.60 -6.35
C GLU C 96 -4.66 2.19 -5.91
N ILE C 97 -3.70 2.34 -6.80
CA ILE C 97 -2.44 2.85 -6.38
C ILE C 97 -2.65 4.25 -5.93
N VAL C 98 -3.37 5.00 -6.71
CA VAL C 98 -3.60 6.38 -6.34
C VAL C 98 -4.31 6.38 -5.01
N ASN C 99 -5.42 5.69 -4.93
CA ASN C 99 -6.23 5.75 -3.71
C ASN C 99 -5.50 5.29 -2.43
N ARG C 100 -4.50 4.44 -2.62
CA ARG C 100 -3.71 3.95 -1.52
C ARG C 100 -2.85 5.10 -0.97
N GLU C 101 -2.24 5.90 -1.86
CA GLU C 101 -1.53 7.12 -1.41
C GLU C 101 -2.45 8.13 -0.75
N LEU C 102 -3.62 8.38 -1.35
CA LEU C 102 -4.61 9.27 -0.81
C LEU C 102 -4.97 8.92 0.62
N ILE C 103 -5.44 7.68 0.83
CA ILE C 103 -5.91 7.26 2.12
C ILE C 103 -4.78 7.32 3.11
N ASN C 104 -3.57 6.97 2.68
CA ASN C 104 -2.45 6.94 3.60
C ASN C 104 -2.15 8.32 4.09
N HIS C 105 -2.19 9.28 3.17
CA HIS C 105 -1.96 10.65 3.48
C HIS C 105 -2.98 11.16 4.48
N ILE C 106 -4.24 10.82 4.24
CA ILE C 106 -5.30 11.25 5.11
C ILE C 106 -5.10 10.66 6.48
N ILE C 107 -4.66 9.40 6.54
CA ILE C 107 -4.33 8.78 7.82
C ILE C 107 -3.24 9.57 8.58
N GLN C 108 -2.21 10.00 7.87
CA GLN C 108 -1.11 10.67 8.54
C GLN C 108 -1.60 11.99 9.08
N TYR C 109 -2.51 12.62 8.33
CA TYR C 109 -3.06 13.91 8.68
C TYR C 109 -3.85 13.78 9.97
N ALA C 110 -4.69 12.74 10.02
CA ALA C 110 -5.50 12.40 11.20
C ALA C 110 -4.67 12.26 12.48
N LYS C 111 -3.62 11.45 12.40
CA LYS C 111 -2.68 11.28 13.50
C LYS C 111 -2.24 12.64 14.01
N GLU C 112 -1.90 13.54 13.10
CA GLU C 112 -1.45 14.85 13.51
C GLU C 112 -2.52 15.64 14.25
N GLN C 113 -3.79 15.49 13.85
CA GLN C 113 -4.91 16.13 14.54
C GLN C 113 -5.26 15.38 15.79
N ASN C 114 -4.46 14.36 16.09
CA ASN C 114 -4.77 13.41 17.16
C ASN C 114 -6.12 12.67 17.03
N ILE C 115 -6.54 12.45 15.80
CA ILE C 115 -7.73 11.65 15.55
C ILE C 115 -7.39 10.18 15.78
N GLU C 116 -8.14 9.53 16.65
CA GLU C 116 -7.82 8.17 17.06
C GLU C 116 -8.49 7.13 16.21
N THR C 117 -9.66 7.43 15.63
CA THR C 117 -10.32 6.44 14.78
C THR C 117 -10.99 7.06 13.54
N LEU C 118 -10.94 6.32 12.45
CA LEU C 118 -11.50 6.78 11.22
C LEU C 118 -12.53 5.74 10.89
N ILE C 120 -15.51 4.54 7.80
CA ILE C 120 -16.02 4.84 6.46
C ILE C 120 -17.21 3.95 6.20
N ALA C 121 -18.24 4.44 5.52
CA ALA C 121 -19.41 3.66 5.11
C ALA C 121 -19.20 3.12 3.70
N ILE C 122 -19.44 1.83 3.52
CA ILE C 122 -19.22 1.21 2.24
C ILE C 122 -20.43 0.42 1.80
N ALA C 123 -20.72 0.48 0.50
CA ALA C 123 -21.84 -0.24 -0.06
C ALA C 123 -21.74 -1.73 0.34
N SER C 124 -22.81 -2.23 0.96
CA SER C 124 -22.88 -3.59 1.48
C SER C 124 -22.28 -4.68 0.61
N ASN C 125 -22.42 -4.55 -0.68
CA ASN C 125 -22.11 -5.65 -1.56
C ASN C 125 -20.83 -5.39 -2.24
N ASN C 126 -20.23 -4.23 -1.93
CA ASN C 126 -18.96 -3.83 -2.55
C ASN C 126 -17.75 -4.54 -1.91
N ILE C 127 -17.43 -5.71 -2.46
CA ILE C 127 -16.38 -6.58 -1.97
C ILE C 127 -15.00 -6.00 -2.30
N SER C 128 -14.90 -5.30 -3.42
CA SER C 128 -13.66 -4.66 -3.80
C SER C 128 -13.25 -3.69 -2.73
N ALA C 129 -14.19 -2.88 -2.29
CA ALA C 129 -13.91 -1.86 -1.29
C ALA C 129 -13.53 -2.53 0.01
N LYS C 130 -14.27 -3.57 0.36
CA LYS C 130 -14.01 -4.25 1.60
C LYS C 130 -12.59 -4.82 1.63
N VAL C 131 -12.16 -5.40 0.49
CA VAL C 131 -10.84 -6.03 0.37
C VAL C 131 -9.78 -4.95 0.44
N PHE C 132 -9.92 -3.95 -0.41
CA PHE C 132 -9.07 -2.80 -0.38
C PHE C 132 -8.89 -2.23 1.03
N PHE C 133 -10.00 -1.87 1.67
CA PHE C 133 -9.88 -1.27 2.98
C PHE C 133 -9.37 -2.27 4.04
N SER C 134 -9.60 -3.56 3.81
CA SER C 134 -9.08 -4.53 4.70
C SER C 134 -7.58 -4.52 4.56
N SER C 135 -7.10 -4.28 3.35
CA SER C 135 -5.66 -4.36 3.14
C SER C 135 -4.96 -3.18 3.79
N ILE C 136 -5.72 -2.09 4.06
CA ILE C 136 -5.18 -0.95 4.77
C ILE C 136 -5.31 -0.99 6.33
N GLY C 137 -6.15 -1.90 6.85
CA GLY C 137 -6.34 -2.00 8.30
C GLY C 137 -7.77 -1.76 8.73
N PHE C 138 -8.69 -1.49 7.80
CA PHE C 138 -10.08 -1.26 8.16
C PHE C 138 -10.85 -2.59 8.32
N GLU C 139 -11.54 -2.74 9.44
CA GLU C 139 -12.40 -3.89 9.66
C GLU C 139 -13.81 -3.42 9.91
N ASN C 140 -14.77 -4.23 9.50
CA ASN C 140 -16.18 -3.84 9.58
C ASN C 140 -16.64 -3.74 11.03
N LEU C 141 -17.46 -2.74 11.33
CA LEU C 141 -17.96 -2.46 12.67
C LEU C 141 -19.42 -2.75 12.73
N ALA C 142 -20.13 -2.47 11.64
CA ALA C 142 -21.56 -2.67 11.68
C ALA C 142 -22.23 -2.57 10.35
N PHE C 143 -23.32 -3.28 10.22
CA PHE C 143 -24.13 -3.23 9.04
C PHE C 143 -25.30 -2.27 9.21
N GLU C 144 -25.55 -1.40 8.24
CA GLU C 144 -26.66 -0.45 8.40
C GLU C 144 -27.64 -0.62 7.24
N LYS C 145 -28.66 -1.47 7.46
CA LYS C 145 -29.79 -1.52 6.56
C LYS C 145 -30.36 -0.11 6.38
N ASN C 146 -30.69 0.23 5.14
CA ASN C 146 -31.31 1.53 4.83
C ASN C 146 -30.54 2.70 5.42
N ALA C 147 -29.21 2.62 5.35
CA ALA C 147 -28.35 3.70 5.80
C ALA C 147 -28.51 4.92 4.90
N SER C 148 -28.83 4.67 3.62
CA SER C 148 -29.01 5.75 2.65
C SER C 148 -30.29 5.58 1.85
N LYS C 149 -30.83 6.71 1.43
CA LYS C 149 -32.08 6.78 0.65
C LYS C 149 -32.07 7.98 -0.33
N ILE C 150 -31.90 7.67 -1.61
CA ILE C 150 -32.11 8.66 -2.67
C ILE C 150 -33.33 8.26 -3.50
N GLY C 151 -34.31 9.16 -3.54
CA GLY C 151 -35.63 8.88 -4.08
C GLY C 151 -36.40 8.15 -3.01
N ASN C 152 -36.78 6.92 -3.30
CA ASN C 152 -37.12 5.97 -2.24
C ASN C 152 -36.35 4.66 -2.42
N GLU C 153 -35.25 4.76 -3.15
CA GLU C 153 -34.28 3.69 -3.24
C GLU C 153 -33.54 3.67 -1.93
N TYR C 154 -33.34 2.48 -1.37
CA TYR C 154 -32.55 2.36 -0.14
C TYR C 154 -31.21 1.76 -0.49
N PHE C 155 -30.27 1.83 0.43
CA PHE C 155 -28.95 1.23 0.22
C PHE C 155 -28.42 0.79 1.55
N ASP C 156 -28.03 -0.47 1.63
CA ASP C 156 -27.39 -0.97 2.82
C ASP C 156 -25.90 -0.66 2.73
N GLU C 157 -25.33 -0.28 3.86
CA GLU C 157 -23.94 0.11 3.90
C GLU C 157 -23.35 -0.62 5.05
N ASN C 158 -22.04 -0.81 5.01
CA ASN C 158 -21.31 -1.30 6.15
C ASN C 158 -20.34 -0.22 6.60
N TRP C 159 -20.27 -0.03 7.92
CA TRP C 159 -19.35 0.91 8.51
C TRP C 159 -18.06 0.19 8.85
N LEU C 160 -16.98 0.60 8.23
CA LEU C 160 -15.65 0.11 8.54
C LEU C 160 -15.02 1.05 9.55
N ILE C 161 -13.98 0.60 10.23
CA ILE C 161 -13.34 1.42 11.25
C ILE C 161 -11.85 1.10 11.28
N TYR C 162 -11.03 2.14 11.45
CA TYR C 162 -9.60 1.97 11.53
C TYR C 162 -9.08 2.69 12.74
N SER C 163 -8.20 2.06 13.48
CA SER C 163 -7.65 2.69 14.64
C SER C 163 -6.28 3.32 14.33
N THR C 164 -6.04 4.51 14.86
CA THR C 164 -4.77 5.19 14.67
C THR C 164 -3.82 4.84 15.83
N THR C 165 -4.41 4.49 16.97
CA THR C 165 -3.74 3.80 18.09
C THR C 165 -2.81 2.69 17.59
N ASN D 5 -49.50 21.56 30.81
CA ASN D 5 -49.96 20.23 30.34
C ASN D 5 -49.64 19.99 28.86
N ASN D 6 -48.39 20.26 28.47
CA ASN D 6 -47.97 20.13 27.07
C ASN D 6 -46.46 19.97 26.81
N ILE D 7 -46.14 19.25 25.73
CA ILE D 7 -44.79 19.18 25.17
C ILE D 7 -44.71 20.26 24.09
N ARG D 8 -43.51 20.56 23.59
CA ARG D 8 -43.35 21.64 22.61
C ARG D 8 -41.93 21.79 22.11
N LEU D 9 -41.78 22.51 20.99
CA LEU D 9 -40.49 22.92 20.47
C LEU D 9 -39.78 23.76 21.53
N LEU D 10 -38.46 23.65 21.59
CA LEU D 10 -37.70 24.54 22.46
C LEU D 10 -37.15 25.72 21.62
N ASN D 11 -37.17 26.95 22.17
CA ASN D 11 -36.52 28.08 21.47
C ASN D 11 -35.47 28.80 22.34
N GLN D 12 -34.68 29.67 21.71
CA GLN D 12 -33.53 30.33 22.34
C GLN D 12 -33.81 31.20 23.61
N ASN D 13 -35.09 31.31 24.03
CA ASN D 13 -35.42 31.96 25.29
C ASN D 13 -35.85 30.92 26.36
N ASP D 14 -36.12 29.69 25.90
CA ASP D 14 -36.30 28.51 26.78
C ASP D 14 -34.92 28.04 27.27
N LEU D 15 -33.89 28.76 26.84
CA LEU D 15 -32.49 28.58 27.27
C LEU D 15 -32.31 28.73 28.79
N ASP D 16 -32.96 29.76 29.36
CA ASP D 16 -32.95 29.93 30.81
C ASP D 16 -33.37 28.61 31.46
N SER D 17 -34.59 28.18 31.12
CA SER D 17 -35.14 26.94 31.61
C SER D 17 -34.17 25.78 31.38
N TYR D 18 -33.85 25.47 30.12
CA TYR D 18 -32.96 24.35 29.76
C TYR D 18 -31.58 24.40 30.46
N ILE D 19 -30.87 25.53 30.37
CA ILE D 19 -29.56 25.66 31.03
C ILE D 19 -29.65 25.47 32.56
N GLU D 20 -30.83 25.76 33.12
CA GLU D 20 -31.10 25.49 34.54
C GLU D 20 -31.65 24.07 34.77
N LEU D 21 -32.29 23.50 33.74
CA LEU D 21 -32.95 22.19 33.86
C LEU D 21 -31.93 21.06 33.91
N LYS D 23 -28.92 21.81 35.24
CA LYS D 23 -28.16 22.20 36.43
C LYS D 23 -28.59 21.52 37.73
N PHE D 24 -29.59 20.63 37.64
CA PHE D 24 -29.99 19.80 38.77
C PHE D 24 -29.06 18.59 38.92
N GLY D 25 -28.42 18.23 37.80
CA GLY D 25 -27.47 17.11 37.76
C GLY D 25 -28.08 15.75 38.01
N HIS D 26 -29.34 15.75 38.44
CA HIS D 26 -30.06 14.56 38.92
C HIS D 26 -30.11 13.37 37.95
N HIS D 27 -29.86 13.62 36.67
CA HIS D 27 -29.62 12.53 35.72
C HIS D 27 -28.41 11.78 36.25
N ASN D 28 -28.68 10.78 37.09
CA ASN D 28 -27.65 10.09 37.88
C ASN D 28 -26.54 9.44 37.04
N TYR D 29 -26.84 9.14 35.78
CA TYR D 29 -25.83 8.69 34.83
C TYR D 29 -24.82 9.81 34.53
N GLU D 30 -24.87 10.84 35.39
CA GLU D 30 -23.95 11.98 35.37
C GLU D 30 -23.41 12.40 34.01
N TRP D 31 -24.29 12.46 33.01
CA TRP D 31 -23.93 13.08 31.73
C TRP D 31 -23.95 14.61 31.88
N ASP D 32 -24.66 15.10 32.91
CA ASP D 32 -24.86 16.55 33.14
C ASP D 32 -23.54 17.35 33.22
N ARG D 33 -22.81 17.18 34.32
CA ARG D 33 -21.65 18.01 34.68
C ARG D 33 -20.55 18.12 33.61
N TYR D 34 -19.99 16.98 33.20
CA TYR D 34 -18.97 16.95 32.16
C TYR D 34 -19.45 17.64 30.88
N TYR D 35 -20.55 17.12 30.34
CA TYR D 35 -21.15 17.70 29.15
C TYR D 35 -21.31 19.21 29.31
N LEU D 36 -21.79 19.62 30.48
CA LEU D 36 -21.95 21.04 30.80
C LEU D 36 -20.64 21.81 30.91
N GLU D 37 -19.55 21.08 31.20
CA GLU D 37 -18.22 21.70 31.28
C GLU D 37 -17.66 22.05 29.89
N ASN D 38 -17.90 21.19 28.90
CA ASN D 38 -17.24 21.31 27.60
C ASN D 38 -18.11 21.78 26.43
N VAL D 39 -19.43 21.71 26.58
CA VAL D 39 -20.38 22.35 25.66
C VAL D 39 -20.50 23.86 25.98
N SER D 40 -19.97 24.70 25.10
CA SER D 40 -20.11 26.15 25.28
C SER D 40 -21.52 26.61 24.90
N ILE D 41 -22.01 27.63 25.60
CA ILE D 41 -23.31 28.25 25.31
C ILE D 41 -23.39 28.57 23.82
N ASP D 42 -22.40 29.34 23.37
CA ASP D 42 -22.02 29.42 21.96
C ASP D 42 -22.76 28.36 21.12
N ARG D 43 -22.37 27.09 21.29
CA ARG D 43 -22.92 26.00 20.49
C ARG D 43 -24.37 25.65 20.88
N LEU D 44 -24.64 25.68 22.17
CA LEU D 44 -25.98 25.45 22.67
C LEU D 44 -27.00 26.34 21.95
N LYS D 45 -26.79 27.66 22.04
CA LYS D 45 -27.63 28.67 21.39
C LYS D 45 -27.86 28.38 19.92
N THR D 46 -26.76 28.12 19.22
CA THR D 46 -26.80 27.55 17.88
C THR D 46 -27.96 26.57 17.68
N ILE D 47 -28.02 25.49 18.48
CA ILE D 47 -29.09 24.50 18.31
C ILE D 47 -30.49 25.10 18.53
N LEU D 48 -30.59 25.99 19.51
CA LEU D 48 -31.89 26.48 19.97
C LEU D 48 -32.63 27.36 18.97
N SER D 49 -31.90 28.00 18.06
CA SER D 49 -32.52 28.91 17.09
C SER D 49 -33.32 28.15 16.05
N ASN D 50 -34.20 28.86 15.34
CA ASN D 50 -34.93 28.25 14.24
C ASN D 50 -34.21 28.34 12.88
N HIS D 51 -32.91 28.63 12.90
CA HIS D 51 -32.07 28.49 11.72
C HIS D 51 -31.49 27.08 11.69
N THR D 52 -31.17 26.53 12.86
CA THR D 52 -30.97 25.08 12.96
C THR D 52 -32.36 24.48 12.76
N ASP D 53 -32.69 24.42 11.48
CA ASP D 53 -33.88 23.82 10.92
C ASP D 53 -34.03 22.39 11.43
N TYR D 54 -32.94 21.62 11.32
CA TYR D 54 -32.99 20.19 11.50
C TYR D 54 -32.29 19.70 12.76
N TRP D 55 -31.82 20.60 13.62
CA TRP D 55 -31.65 20.18 15.01
C TRP D 55 -32.45 21.02 16.01
N ASN D 56 -33.32 20.31 16.75
CA ASN D 56 -34.36 20.87 17.62
C ASN D 56 -34.37 20.16 18.97
N ILE D 57 -34.58 20.94 20.02
CA ILE D 57 -34.72 20.43 21.38
C ILE D 57 -36.22 20.40 21.74
N PHE D 58 -36.69 19.29 22.32
CA PHE D 58 -38.06 19.24 22.79
C PHE D 58 -38.11 19.20 24.29
N GLY D 59 -39.15 19.82 24.85
CA GLY D 59 -39.33 19.96 26.30
C GLY D 59 -40.74 19.69 26.83
N ALA D 60 -40.80 18.99 27.95
CA ALA D 60 -42.05 18.76 28.67
C ALA D 60 -42.29 19.91 29.63
N PHE D 61 -43.52 20.41 29.62
CA PHE D 61 -43.94 21.46 30.52
C PHE D 61 -45.11 21.03 31.39
N GLU D 62 -44.90 21.09 32.71
CA GLU D 62 -46.01 21.11 33.68
C GLU D 62 -46.04 22.54 34.19
N ASP D 63 -47.14 23.24 33.94
CA ASP D 63 -47.24 24.71 34.08
C ASP D 63 -46.08 25.38 33.33
N ASP D 64 -45.60 26.51 33.85
CA ASP D 64 -44.45 27.20 33.24
C ASP D 64 -43.12 26.43 33.40
N GLU D 65 -43.18 25.20 33.92
CA GLU D 65 -41.99 24.45 34.32
C GLU D 65 -41.51 23.37 33.32
N LEU D 66 -40.32 23.59 32.76
CA LEU D 66 -39.64 22.57 31.97
C LEU D 66 -39.12 21.51 32.94
N VAL D 67 -39.55 20.27 32.76
CA VAL D 67 -39.15 19.18 33.68
C VAL D 67 -38.44 18.02 32.95
N ALA D 68 -38.35 18.09 31.62
CA ALA D 68 -37.62 17.10 30.83
C ALA D 68 -37.01 17.71 29.55
N THR D 69 -36.01 17.03 28.98
CA THR D 69 -35.42 17.49 27.71
C THR D 69 -34.84 16.41 26.79
N CYS D 70 -34.87 16.68 25.48
CA CYS D 70 -34.43 15.73 24.48
C CYS D 70 -34.20 16.35 23.10
N THR D 71 -33.03 16.08 22.52
CA THR D 71 -32.66 16.69 21.24
C THR D 71 -32.90 15.74 20.06
N LEU D 72 -33.59 16.28 19.04
CA LEU D 72 -33.73 15.60 17.77
C LEU D 72 -32.90 16.28 16.68
N LYS D 73 -31.88 15.55 16.23
CA LYS D 73 -31.01 15.98 15.14
C LYS D 73 -31.25 15.15 13.88
N GLN D 74 -31.99 15.74 12.95
CA GLN D 74 -32.11 15.22 11.62
C GLN D 74 -30.80 15.52 10.93
N ASN D 76 -29.32 16.73 7.43
CA ASN D 76 -29.33 17.25 6.05
C ASN D 76 -28.04 17.02 5.29
N TYR D 77 -27.62 15.76 5.29
CA TYR D 77 -26.56 15.31 4.38
C TYR D 77 -27.29 14.63 3.26
N VAL D 78 -26.69 14.62 2.07
CA VAL D 78 -27.27 13.92 0.93
C VAL D 78 -27.55 12.47 1.32
N GLY D 79 -28.77 12.01 1.04
CA GLY D 79 -29.11 10.59 1.12
C GLY D 79 -29.39 10.12 2.52
N LYS D 80 -29.10 11.01 3.47
CA LYS D 80 -29.44 10.81 4.87
C LYS D 80 -30.71 11.59 5.13
N CYS D 81 -30.81 12.17 6.32
CA CYS D 81 -32.01 12.87 6.77
C CYS D 81 -33.30 12.13 6.50
N HIS D 82 -33.22 10.82 6.24
CA HIS D 82 -34.39 10.01 6.49
C HIS D 82 -34.29 9.49 7.92
N LYS D 83 -33.19 9.90 8.56
CA LYS D 83 -32.83 9.48 9.90
C LYS D 83 -32.56 10.71 10.77
N ALA D 84 -32.39 10.46 12.05
CA ALA D 84 -32.20 11.52 13.02
C ALA D 84 -31.75 10.90 14.32
N ILE D 85 -31.05 11.67 15.16
CA ILE D 85 -30.49 11.04 16.34
C ILE D 85 -30.88 11.74 17.65
N LEU D 86 -31.35 10.93 18.59
CA LEU D 86 -31.76 11.41 19.92
C LEU D 86 -30.52 11.62 20.76
N GLU D 87 -30.42 12.79 21.36
CA GLU D 87 -29.32 13.05 22.27
C GLU D 87 -29.73 14.09 23.32
N ASN D 88 -29.04 14.06 24.45
CA ASN D 88 -29.22 15.02 25.56
C ASN D 88 -30.56 14.96 26.27
N ASN D 89 -31.01 13.74 26.49
CA ASN D 89 -32.21 13.43 27.24
C ASN D 89 -31.98 13.61 28.75
N PHE D 90 -32.13 14.84 29.25
CA PHE D 90 -31.97 15.11 30.72
C PHE D 90 -33.27 15.10 31.50
N VAL D 91 -33.26 14.43 32.65
CA VAL D 91 -34.44 14.34 33.52
C VAL D 91 -34.11 14.44 35.01
N LYS D 92 -34.77 15.37 35.70
CA LYS D 92 -34.61 15.63 37.16
C LYS D 92 -34.93 14.42 38.07
N ASN D 93 -36.12 14.41 38.67
CA ASN D 93 -36.55 13.20 39.38
C ASN D 93 -36.68 12.12 38.33
N ASN D 94 -35.83 11.09 38.42
CA ASN D 94 -35.73 10.06 37.37
C ASN D 94 -37.09 9.43 37.05
N ASP D 95 -37.74 10.06 36.07
CA ASP D 95 -39.13 9.82 35.75
C ASP D 95 -39.19 9.23 34.35
N GLU D 96 -39.53 7.95 34.28
CA GLU D 96 -39.79 7.32 33.00
C GLU D 96 -41.22 7.58 32.57
N ILE D 97 -42.03 8.11 33.51
CA ILE D 97 -43.41 8.51 33.23
C ILE D 97 -43.44 9.57 32.12
N VAL D 98 -43.26 10.84 32.47
CA VAL D 98 -43.40 11.94 31.49
C VAL D 98 -42.41 11.78 30.31
N ASN D 99 -41.18 11.37 30.61
CA ASN D 99 -40.16 11.24 29.57
C ASN D 99 -40.47 10.13 28.55
N ARG D 100 -41.50 9.35 28.83
CA ARG D 100 -42.16 8.53 27.82
C ARG D 100 -42.91 9.48 26.88
N GLU D 101 -43.87 10.22 27.45
CA GLU D 101 -44.72 11.14 26.69
C GLU D 101 -43.92 11.99 25.73
N LEU D 102 -42.77 12.46 26.21
CA LEU D 102 -41.88 13.35 25.46
C LEU D 102 -41.44 12.69 24.17
N ILE D 103 -40.96 11.46 24.32
CA ILE D 103 -40.45 10.70 23.20
C ILE D 103 -41.56 10.29 22.22
N ASN D 104 -42.79 10.13 22.72
CA ASN D 104 -43.98 10.06 21.87
C ASN D 104 -44.08 11.26 20.92
N HIS D 105 -44.08 12.46 21.51
CA HIS D 105 -44.19 13.69 20.75
C HIS D 105 -43.10 13.76 19.68
N ILE D 106 -41.84 13.53 20.07
CA ILE D 106 -40.71 13.60 19.14
C ILE D 106 -40.91 12.62 18.00
N ILE D 107 -41.39 11.42 18.35
CA ILE D 107 -41.65 10.37 17.35
C ILE D 107 -42.77 10.78 16.40
N GLN D 108 -43.82 11.39 16.93
CA GLN D 108 -44.94 11.82 16.10
C GLN D 108 -44.46 12.95 15.21
N TYR D 109 -43.78 13.90 15.83
CA TYR D 109 -43.12 15.00 15.16
C TYR D 109 -42.26 14.51 14.01
N ALA D 110 -41.47 13.48 14.28
CA ALA D 110 -40.55 12.95 13.30
C ALA D 110 -41.28 12.14 12.24
N LYS D 111 -42.38 11.48 12.64
CA LYS D 111 -43.18 10.73 11.68
C LYS D 111 -43.78 11.73 10.71
N GLU D 112 -44.29 12.84 11.25
CA GLU D 112 -44.75 14.00 10.46
C GLU D 112 -43.66 14.53 9.52
N GLN D 113 -42.41 14.54 9.99
CA GLN D 113 -41.33 15.14 9.22
C GLN D 113 -40.71 14.23 8.15
N ASN D 114 -41.17 12.99 8.06
CA ASN D 114 -40.68 11.99 7.08
C ASN D 114 -39.30 11.37 7.44
N ILE D 115 -39.02 11.40 8.75
CA ILE D 115 -37.91 10.66 9.36
C ILE D 115 -38.35 9.22 9.64
N GLU D 116 -37.66 8.27 9.02
CA GLU D 116 -37.98 6.85 9.14
C GLU D 116 -37.30 6.15 10.32
N THR D 117 -36.12 6.64 10.69
CA THR D 117 -35.31 5.96 11.71
C THR D 117 -34.66 6.89 12.76
N LEU D 118 -34.97 6.60 14.02
CA LEU D 118 -34.37 7.33 15.12
C LEU D 118 -33.33 6.46 15.77
N ILE D 120 -30.11 6.18 18.82
CA ILE D 120 -29.52 6.79 19.99
C ILE D 120 -28.37 5.95 20.47
N ALA D 121 -27.19 6.56 20.59
CA ALA D 121 -26.07 5.94 21.29
C ALA D 121 -26.25 6.15 22.81
N ILE D 122 -26.40 5.03 23.54
CA ILE D 122 -26.52 5.02 25.00
C ILE D 122 -25.25 4.40 25.59
N ALA D 123 -24.53 5.14 26.43
CA ALA D 123 -23.34 4.61 27.12
C ALA D 123 -23.70 3.32 27.86
N SER D 124 -22.81 2.32 27.79
CA SER D 124 -23.11 0.96 28.29
C SER D 124 -23.35 0.86 29.80
N ASN D 125 -22.33 1.26 30.57
CA ASN D 125 -22.42 1.51 32.00
C ASN D 125 -23.78 2.02 32.48
N ASN D 126 -24.29 3.06 31.82
CA ASN D 126 -25.57 3.67 32.16
C ASN D 126 -26.77 2.84 31.67
N ILE D 127 -27.42 2.17 32.61
CA ILE D 127 -28.35 1.11 32.26
C ILE D 127 -29.84 1.44 32.46
N SER D 128 -30.15 2.51 33.18
CA SER D 128 -31.52 3.00 33.20
C SER D 128 -31.97 3.42 31.80
N ALA D 129 -31.13 4.20 31.10
CA ALA D 129 -31.42 4.63 29.74
C ALA D 129 -31.63 3.43 28.82
N LYS D 130 -30.78 2.43 29.01
CA LYS D 130 -30.90 1.22 28.23
C LYS D 130 -32.28 0.57 28.38
N VAL D 131 -32.75 0.43 29.62
CA VAL D 131 -34.06 -0.19 29.82
C VAL D 131 -35.17 0.74 29.34
N PHE D 132 -34.95 2.04 29.45
CA PHE D 132 -35.99 3.00 29.12
C PHE D 132 -36.41 2.92 27.66
N PHE D 133 -35.47 3.20 26.76
CA PHE D 133 -35.74 3.17 25.32
C PHE D 133 -35.98 1.74 24.86
N SER D 134 -35.36 0.80 25.56
CA SER D 134 -35.57 -0.61 25.29
C SER D 134 -37.06 -0.91 25.34
N SER D 135 -37.70 -0.56 26.46
CA SER D 135 -39.10 -0.89 26.72
C SER D 135 -40.09 -0.03 25.92
N ILE D 136 -39.51 0.84 25.08
CA ILE D 136 -40.29 1.70 24.19
C ILE D 136 -40.46 1.07 22.81
N GLY D 137 -39.48 0.26 22.40
CA GLY D 137 -39.54 -0.45 21.12
C GLY D 137 -38.24 -0.24 20.36
N PHE D 138 -37.34 0.52 20.98
CA PHE D 138 -36.02 0.74 20.41
C PHE D 138 -35.24 -0.56 20.39
N GLU D 139 -34.98 -1.05 19.17
CA GLU D 139 -34.24 -2.28 19.00
C GLU D 139 -32.73 -2.05 18.97
N ASN D 140 -31.96 -3.11 19.20
CA ASN D 140 -30.50 -2.97 19.34
C ASN D 140 -29.69 -3.17 18.02
N LEU D 141 -28.93 -2.14 17.59
CA LEU D 141 -28.30 -2.19 16.26
C LEU D 141 -26.80 -2.44 16.20
N ALA D 142 -26.03 -1.77 17.04
CA ALA D 142 -24.59 -2.03 17.10
C ALA D 142 -23.97 -1.58 18.39
N PHE D 143 -22.86 -2.25 18.73
CA PHE D 143 -22.09 -1.90 19.89
C PHE D 143 -20.86 -1.08 19.48
N GLU D 144 -20.47 -0.06 20.23
CA GLU D 144 -19.31 0.72 19.81
C GLU D 144 -18.26 0.97 20.89
N LYS D 145 -17.13 0.28 20.76
CA LYS D 145 -16.02 0.44 21.68
C LYS D 145 -15.44 1.82 21.53
N ASN D 146 -15.36 2.51 22.67
CA ASN D 146 -14.70 3.79 22.74
C ASN D 146 -15.47 4.84 21.95
N ALA D 147 -16.79 4.68 21.87
CA ALA D 147 -17.68 5.60 21.14
C ALA D 147 -17.33 7.04 21.40
N SER D 148 -17.01 7.32 22.66
CA SER D 148 -16.78 8.70 23.10
C SER D 148 -15.64 8.80 24.12
N LYS D 149 -15.04 9.98 24.24
CA LYS D 149 -13.92 10.14 25.14
C LYS D 149 -13.94 11.52 25.81
N ILE D 150 -14.22 11.52 27.11
CA ILE D 150 -14.15 12.74 27.92
C ILE D 150 -12.88 12.65 28.76
N GLY D 151 -12.00 13.65 28.62
CA GLY D 151 -10.71 13.68 29.30
C GLY D 151 -9.81 12.56 28.84
N ASN D 152 -9.58 11.58 29.71
CA ASN D 152 -8.96 10.33 29.30
C ASN D 152 -9.86 9.12 29.57
N GLU D 153 -11.17 9.35 29.63
CA GLU D 153 -12.10 8.28 29.99
C GLU D 153 -12.95 7.80 28.82
N TYR D 154 -12.60 6.63 28.28
CA TYR D 154 -13.30 6.09 27.12
C TYR D 154 -14.60 5.42 27.53
N PHE D 155 -15.72 6.03 27.17
CA PHE D 155 -17.02 5.38 27.32
C PHE D 155 -17.38 4.65 26.01
N ASP D 156 -18.30 3.67 26.11
CA ASP D 156 -18.79 2.88 24.97
C ASP D 156 -20.27 3.08 24.77
N GLU D 157 -20.72 2.96 23.53
CA GLU D 157 -22.11 3.21 23.24
C GLU D 157 -22.76 2.01 22.60
N ASN D 158 -24.04 1.86 22.91
CA ASN D 158 -24.90 0.94 22.23
C ASN D 158 -25.78 1.76 21.30
N TRP D 159 -25.70 1.45 20.01
CA TRP D 159 -26.50 2.13 19.01
C TRP D 159 -27.84 1.42 18.87
N LEU D 160 -28.91 2.09 19.31
CA LEU D 160 -30.26 1.53 19.21
C LEU D 160 -31.06 2.27 18.15
N ILE D 161 -32.00 1.57 17.50
CA ILE D 161 -32.81 2.19 16.46
C ILE D 161 -34.29 1.96 16.63
N TYR D 162 -35.05 2.75 15.87
CA TYR D 162 -36.50 2.77 15.91
C TYR D 162 -36.97 3.16 14.52
N SER D 163 -37.72 2.27 13.87
CA SER D 163 -38.33 2.59 12.60
C SER D 163 -39.70 3.17 12.88
N THR D 164 -40.10 4.21 12.14
CA THR D 164 -41.40 4.86 12.35
C THR D 164 -42.51 4.34 11.44
N THR D 165 -42.19 3.36 10.60
CA THR D 165 -43.21 2.62 9.82
C THR D 165 -43.98 1.70 10.78
#